data_2UUI
#
_entry.id   2UUI
#
_cell.length_a   169.670
_cell.length_b   169.670
_cell.length_c   169.670
_cell.angle_alpha   90.00
_cell.angle_beta   90.00
_cell.angle_gamma   90.00
#
_symmetry.space_group_name_H-M   'F 2 3'
#
loop_
_entity.id
_entity.type
_entity.pdbx_description
1 polymer 'LEUKOTRIENE C4 SYNTHASE'
2 non-polymer 'NICKEL (II) ION'
3 non-polymer DODECYL-BETA-D-MALTOSIDE
4 non-polymer 'PALMITIC ACID'
5 non-polymer 'SULFATE ION'
6 water water
#
_entity_poly.entity_id   1
_entity_poly.type   'polypeptide(L)'
_entity_poly.pdbx_seq_one_letter_code
;MHHHHHHKDEVALLAAVTLLGVLLQAYFSLQVISARRAFRVSPPLTTGPPEFERVYRAQVNCSEYFPLFLATLWVAGIFF
HEGAAALCGLVYLFARLRYFQGYARSAQLRLAPLYASARALWLLVALAALGLLAHFLPAALRAALLGRLRTLLPWA
;
_entity_poly.pdbx_strand_id   A
#
# COMPACT_ATOMS: atom_id res chain seq x y z
N MET A 1 -11.23 26.72 3.92
CA MET A 1 -10.99 28.11 3.46
C MET A 1 -10.45 28.92 4.64
N HIS A 2 -9.50 28.32 5.38
CA HIS A 2 -9.07 28.78 6.70
C HIS A 2 -10.32 28.85 7.58
N HIS A 3 -10.37 28.33 8.79
CA HIS A 3 -9.40 27.51 9.55
C HIS A 3 -8.09 28.08 10.09
N HIS A 4 -8.08 28.13 11.42
CA HIS A 4 -6.96 28.57 12.22
C HIS A 4 -6.27 27.38 12.85
N HIS A 5 -6.48 26.23 12.22
CA HIS A 5 -5.64 25.05 12.44
C HIS A 5 -5.70 24.18 11.18
N HIS A 6 -4.73 23.30 11.06
CA HIS A 6 -4.71 22.35 9.95
CA HIS A 6 -4.62 22.37 9.94
C HIS A 6 -4.32 20.98 10.47
N HIS A 7 -4.70 19.96 9.73
CA HIS A 7 -4.37 18.59 10.08
C HIS A 7 -3.26 17.96 9.23
N LYS A 8 -2.53 18.80 8.48
CA LYS A 8 -1.34 18.42 7.68
C LYS A 8 -0.29 17.73 8.49
N ASP A 9 -0.07 18.23 9.71
CA ASP A 9 0.97 17.66 10.53
C ASP A 9 0.60 16.31 11.07
N GLU A 10 -0.63 15.87 10.89
CA GLU A 10 -0.98 14.52 11.28
C GLU A 10 -0.86 13.50 10.12
N VAL A 11 -0.63 13.98 8.90
CA VAL A 11 -0.65 13.04 7.79
C VAL A 11 0.54 13.22 6.88
N ALA A 12 1.49 14.06 7.30
CA ALA A 12 2.62 14.41 6.42
C ALA A 12 3.54 13.20 6.07
N LEU A 13 3.74 12.28 7.01
CA LEU A 13 4.56 11.11 6.74
C LEU A 13 3.81 10.19 5.76
N LEU A 14 2.49 10.07 5.93
CA LEU A 14 1.65 9.29 5.00
C LEU A 14 1.72 9.93 3.62
N ALA A 15 1.66 11.27 3.58
CA ALA A 15 1.72 11.97 2.31
C ALA A 15 3.09 11.80 1.59
N ALA A 16 4.17 11.80 2.37
CA ALA A 16 5.52 11.61 1.83
C ALA A 16 5.73 10.17 1.26
N VAL A 17 5.28 9.16 2.00
CA VAL A 17 5.31 7.76 1.54
C VAL A 17 4.43 7.60 0.30
N THR A 18 3.26 8.24 0.32
CA THR A 18 2.39 8.25 -0.87
C THR A 18 3.11 8.82 -2.10
N LEU A 19 3.78 9.97 -1.94
CA LEU A 19 4.48 10.58 -3.04
C LEU A 19 5.66 9.68 -3.52
N LEU A 20 6.40 9.09 -2.59
CA LEU A 20 7.45 8.13 -2.94
CA LEU A 20 7.45 8.14 -2.94
C LEU A 20 6.88 6.99 -3.77
N GLY A 21 5.68 6.54 -3.40
CA GLY A 21 4.99 5.46 -4.10
C GLY A 21 4.62 5.87 -5.51
N VAL A 22 4.15 7.11 -5.68
CA VAL A 22 3.84 7.63 -7.01
C VAL A 22 5.11 7.66 -7.87
N LEU A 23 6.20 8.21 -7.32
CA LEU A 23 7.50 8.27 -7.98
C LEU A 23 8.02 6.86 -8.43
N LEU A 24 7.90 5.87 -7.55
CA LEU A 24 8.26 4.48 -7.87
CA LEU A 24 8.28 4.50 -7.90
C LEU A 24 7.40 3.93 -9.02
N GLN A 25 6.09 4.21 -8.98
CA GLN A 25 5.20 3.77 -10.05
C GLN A 25 5.54 4.43 -11.40
N ALA A 26 5.90 5.71 -11.36
CA ALA A 26 6.29 6.44 -12.53
C ALA A 26 7.56 5.79 -13.10
N TYR A 27 8.49 5.45 -12.23
CA TYR A 27 9.71 4.77 -12.60
C TYR A 27 9.45 3.41 -13.29
N PHE A 28 8.55 2.60 -12.74
CA PHE A 28 8.17 1.33 -13.32
C PHE A 28 7.66 1.57 -14.74
N SER A 29 6.81 2.58 -14.89
CA SER A 29 6.25 2.94 -16.18
CA SER A 29 6.25 2.94 -16.18
C SER A 29 7.32 3.33 -17.21
N LEU A 30 8.28 4.12 -16.77
CA LEU A 30 9.36 4.53 -17.63
C LEU A 30 10.23 3.31 -18.01
N GLN A 31 10.40 2.37 -17.08
CA GLN A 31 11.12 1.13 -17.41
C GLN A 31 10.40 0.27 -18.47
N VAL A 32 9.07 0.22 -18.43
CA VAL A 32 8.33 -0.49 -19.46
C VAL A 32 8.52 0.20 -20.82
N ILE A 33 8.47 1.52 -20.86
CA ILE A 33 8.67 2.27 -22.09
C ILE A 33 10.11 2.02 -22.64
N SER A 34 11.07 1.98 -21.74
CA SER A 34 12.43 1.67 -22.09
C SER A 34 12.60 0.22 -22.61
N ALA A 35 11.91 -0.74 -21.99
CA ALA A 35 11.89 -2.12 -22.47
C ALA A 35 11.21 -2.28 -23.81
N ARG A 36 10.19 -1.46 -24.10
CA ARG A 36 9.52 -1.43 -25.40
C ARG A 36 10.51 -1.10 -26.53
N ARG A 37 11.46 -0.18 -26.27
CA ARG A 37 12.54 0.13 -27.20
C ARG A 37 13.62 -0.98 -27.24
N ALA A 38 14.22 -1.30 -26.10
CA ALA A 38 15.21 -2.38 -26.06
C ALA A 38 14.74 -3.64 -26.79
N PHE A 39 13.52 -4.09 -26.52
CA PHE A 39 13.05 -5.35 -27.06
C PHE A 39 12.06 -5.19 -28.19
N ARG A 40 12.04 -3.99 -28.77
CA ARG A 40 11.25 -3.72 -29.98
C ARG A 40 9.80 -4.21 -29.87
N VAL A 41 9.01 -3.60 -28.97
CA VAL A 41 7.55 -3.85 -28.87
C VAL A 41 6.77 -2.54 -29.08
N SER A 42 5.93 -2.47 -30.10
CA SER A 42 5.27 -1.20 -30.39
C SER A 42 3.85 -1.22 -29.85
N PRO A 43 3.38 -0.09 -29.27
CA PRO A 43 1.99 0.14 -28.85
C PRO A 43 0.98 0.02 -30.01
N PRO A 44 -0.23 -0.52 -29.76
CA PRO A 44 -0.75 -1.01 -28.47
C PRO A 44 -0.03 -2.33 -28.29
N LEU A 45 -0.51 -3.30 -27.54
CA LEU A 45 0.26 -4.56 -27.69
C LEU A 45 1.33 -4.65 -26.65
N THR A 46 1.26 -5.75 -25.93
CA THR A 46 1.98 -5.92 -24.70
C THR A 46 2.58 -7.32 -24.70
N THR A 47 2.67 -7.90 -25.91
CA THR A 47 3.32 -9.20 -26.13
C THR A 47 4.61 -8.94 -26.86
N GLY A 48 5.64 -9.71 -26.56
CA GLY A 48 6.94 -9.56 -27.22
C GLY A 48 7.83 -10.60 -26.58
N PRO A 49 9.14 -10.41 -26.64
CA PRO A 49 10.11 -11.29 -26.00
C PRO A 49 9.82 -11.50 -24.52
N PRO A 50 10.25 -12.63 -23.95
CA PRO A 50 10.14 -12.94 -22.52
C PRO A 50 10.61 -11.81 -21.60
N GLU A 51 11.74 -11.20 -21.92
CA GLU A 51 12.31 -10.14 -21.10
C GLU A 51 11.40 -8.92 -21.05
N PHE A 52 10.75 -8.62 -22.16
CA PHE A 52 9.77 -7.56 -22.18
C PHE A 52 8.54 -7.95 -21.37
N GLU A 53 8.05 -9.17 -21.55
CA GLU A 53 6.80 -9.58 -20.91
C GLU A 53 6.95 -9.61 -19.38
N ARG A 54 8.14 -9.95 -18.89
CA ARG A 54 8.36 -9.94 -17.45
C ARG A 54 8.32 -8.49 -16.85
N VAL A 55 8.91 -7.52 -17.55
CA VAL A 55 9.00 -6.12 -17.14
C VAL A 55 7.57 -5.55 -17.16
N TYR A 56 6.84 -5.85 -18.25
CA TYR A 56 5.45 -5.47 -18.41
C TYR A 56 4.57 -6.00 -17.28
N ARG A 57 4.74 -7.27 -16.95
CA ARG A 57 3.90 -7.90 -15.98
C ARG A 57 4.24 -7.39 -14.56
N ALA A 58 5.52 -7.11 -14.29
CA ALA A 58 5.94 -6.58 -13.00
C ALA A 58 5.24 -5.21 -12.74
N GLN A 59 5.17 -4.38 -13.78
CA GLN A 59 4.55 -3.04 -13.75
C GLN A 59 3.06 -3.19 -13.55
N VAL A 60 2.42 -4.05 -14.34
CA VAL A 60 1.01 -4.34 -14.16
C VAL A 60 0.67 -4.78 -12.72
N ASN A 61 1.46 -5.70 -12.14
CA ASN A 61 1.14 -6.21 -10.82
CA ASN A 61 1.22 -6.25 -10.78
C ASN A 61 1.33 -5.11 -9.75
N CYS A 62 2.41 -4.33 -9.88
CA CYS A 62 2.66 -3.21 -8.97
C CYS A 62 1.49 -2.21 -9.04
N SER A 63 1.06 -1.87 -10.26
CA SER A 63 -0.07 -1.00 -10.52
C SER A 63 -1.36 -1.47 -9.89
N GLU A 64 -1.61 -2.77 -9.98
CA GLU A 64 -2.80 -3.37 -9.42
C GLU A 64 -2.86 -3.29 -7.88
N TYR A 65 -1.72 -3.50 -7.25
CA TYR A 65 -1.66 -3.47 -5.81
C TYR A 65 -1.52 -2.02 -5.26
N PHE A 66 -1.15 -1.08 -6.10
CA PHE A 66 -0.83 0.25 -5.63
C PHE A 66 -2.04 0.96 -4.93
N PRO A 67 -3.27 0.85 -5.47
CA PRO A 67 -4.36 1.47 -4.68
C PRO A 67 -4.63 0.79 -3.34
N LEU A 68 -4.34 -0.51 -3.28
CA LEU A 68 -4.54 -1.29 -2.06
CA LEU A 68 -4.55 -1.28 -2.07
C LEU A 68 -3.57 -0.82 -1.01
N PHE A 69 -2.32 -0.64 -1.43
CA PHE A 69 -1.28 -0.13 -0.60
C PHE A 69 -1.69 1.30 -0.06
N LEU A 70 -2.05 2.19 -0.97
CA LEU A 70 -2.46 3.53 -0.58
C LEU A 70 -3.64 3.55 0.41
N ALA A 71 -4.70 2.81 0.09
CA ALA A 71 -5.88 2.76 0.95
C ALA A 71 -5.48 2.31 2.36
N THR A 72 -4.67 1.24 2.45
CA THR A 72 -4.39 0.65 3.73
CA THR A 72 -4.40 0.65 3.76
C THR A 72 -3.41 1.52 4.53
N LEU A 73 -2.47 2.12 3.82
CA LEU A 73 -1.51 3.03 4.42
C LEU A 73 -2.27 4.16 5.20
N TRP A 74 -3.22 4.79 4.51
CA TRP A 74 -3.97 5.92 5.05
C TRP A 74 -4.87 5.49 6.20
N VAL A 75 -5.58 4.38 6.05
CA VAL A 75 -6.42 3.87 7.14
C VAL A 75 -5.57 3.46 8.34
N ALA A 76 -4.50 2.72 8.12
CA ALA A 76 -3.63 2.36 9.23
C ALA A 76 -2.99 3.64 9.88
N GLY A 77 -2.61 4.62 9.05
CA GLY A 77 -1.89 5.78 9.55
C GLY A 77 -2.80 6.70 10.40
N ILE A 78 -4.07 6.75 10.03
CA ILE A 78 -5.04 7.56 10.74
CA ILE A 78 -5.08 7.56 10.72
C ILE A 78 -5.63 6.84 11.97
N PHE A 79 -5.91 5.54 11.86
CA PHE A 79 -6.60 4.82 12.93
C PHE A 79 -5.67 4.11 13.90
N PHE A 80 -4.42 3.85 13.50
CA PHE A 80 -3.56 3.04 14.35
C PHE A 80 -2.39 3.90 14.82
N HIS A 81 -1.51 4.34 13.90
CA HIS A 81 -0.31 5.11 14.29
C HIS A 81 0.33 5.57 13.01
N GLU A 82 0.59 6.87 12.88
CA GLU A 82 1.12 7.42 11.64
C GLU A 82 2.51 6.91 11.31
N GLY A 83 3.42 7.00 12.28
CA GLY A 83 4.79 6.54 12.10
C GLY A 83 4.92 5.06 11.74
N ALA A 84 4.25 4.20 12.51
CA ALA A 84 4.22 2.77 12.20
C ALA A 84 3.71 2.49 10.76
N ALA A 85 2.63 3.15 10.35
CA ALA A 85 2.02 2.95 9.04
C ALA A 85 3.01 3.38 7.95
N ALA A 86 3.64 4.55 8.16
CA ALA A 86 4.60 5.07 7.23
C ALA A 86 5.82 4.14 7.07
N LEU A 87 6.32 3.59 8.19
CA LEU A 87 7.49 2.68 8.17
CA LEU A 87 7.50 2.71 8.13
C LEU A 87 7.16 1.44 7.36
N CYS A 88 6.00 0.86 7.66
CA CYS A 88 5.53 -0.33 6.94
CA CYS A 88 5.54 -0.32 6.96
C CYS A 88 5.37 -0.01 5.46
N GLY A 89 4.85 1.17 5.14
CA GLY A 89 4.74 1.65 3.78
C GLY A 89 6.08 1.72 3.04
N LEU A 90 7.11 2.24 3.72
CA LEU A 90 8.45 2.29 3.12
CA LEU A 90 8.45 2.28 3.17
C LEU A 90 9.00 0.89 2.82
N VAL A 91 8.80 -0.03 3.76
CA VAL A 91 9.22 -1.41 3.60
C VAL A 91 8.49 -2.07 2.40
N TYR A 92 7.17 -1.86 2.30
CA TYR A 92 6.39 -2.31 1.16
C TYR A 92 6.95 -1.76 -0.17
N LEU A 93 7.19 -0.46 -0.22
CA LEU A 93 7.65 0.14 -1.46
C LEU A 93 9.08 -0.34 -1.88
N PHE A 94 9.97 -0.44 -0.91
CA PHE A 94 11.29 -1.01 -1.17
C PHE A 94 11.18 -2.46 -1.67
N ALA A 95 10.36 -3.26 -1.02
CA ALA A 95 10.04 -4.59 -1.47
C ALA A 95 9.50 -4.63 -2.89
N ARG A 96 8.61 -3.68 -3.26
CA ARG A 96 8.10 -3.61 -4.62
C ARG A 96 9.17 -3.22 -5.66
N LEU A 97 10.07 -2.30 -5.31
CA LEU A 97 11.22 -1.96 -6.13
C LEU A 97 12.11 -3.24 -6.40
N ARG A 98 12.39 -4.01 -5.35
CA ARG A 98 13.16 -5.27 -5.47
C ARG A 98 12.41 -6.32 -6.27
N TYR A 99 11.09 -6.43 -6.07
CA TYR A 99 10.24 -7.28 -6.87
C TYR A 99 10.36 -6.97 -8.38
N PHE A 100 10.23 -5.68 -8.72
CA PHE A 100 10.24 -5.25 -10.12
C PHE A 100 11.59 -5.56 -10.79
N GLN A 101 12.66 -5.12 -10.11
CA GLN A 101 14.06 -5.42 -10.48
C GLN A 101 14.38 -6.92 -10.65
N GLY A 102 13.96 -7.73 -9.69
CA GLY A 102 14.05 -9.19 -9.73
C GLY A 102 13.34 -9.78 -10.93
N TYR A 103 12.04 -9.50 -11.02
CA TYR A 103 11.17 -9.99 -12.07
C TYR A 103 11.76 -9.66 -13.44
N ALA A 104 12.29 -8.44 -13.61
CA ALA A 104 12.84 -8.04 -14.91
C ALA A 104 13.98 -9.04 -15.36
N ARG A 105 14.72 -9.56 -14.38
CA ARG A 105 15.85 -10.48 -14.59
C ARG A 105 15.38 -11.91 -14.72
N SER A 106 14.44 -12.30 -13.87
CA SER A 106 13.93 -13.67 -13.85
CA SER A 106 13.84 -13.63 -13.95
C SER A 106 12.60 -13.75 -13.08
N ALA A 107 11.63 -14.50 -13.59
CA ALA A 107 10.43 -14.79 -12.85
C ALA A 107 10.79 -15.24 -11.46
N GLN A 108 11.77 -16.14 -11.34
CA GLN A 108 12.08 -16.71 -10.02
C GLN A 108 12.65 -15.68 -9.04
N LEU A 109 13.39 -14.70 -9.54
CA LEU A 109 13.99 -13.72 -8.66
C LEU A 109 12.92 -12.69 -8.12
N ARG A 110 11.72 -12.70 -8.69
CA ARG A 110 10.62 -11.84 -8.18
C ARG A 110 10.07 -12.37 -6.85
N LEU A 111 10.31 -13.66 -6.55
CA LEU A 111 9.61 -14.30 -5.44
C LEU A 111 9.96 -13.88 -4.02
N ALA A 112 11.24 -13.80 -3.66
CA ALA A 112 11.60 -13.33 -2.31
C ALA A 112 11.05 -11.89 -2.03
N PRO A 113 11.36 -10.91 -2.90
CA PRO A 113 10.78 -9.58 -2.60
C PRO A 113 9.25 -9.55 -2.69
N LEU A 114 8.63 -10.35 -3.56
CA LEU A 114 7.19 -10.49 -3.52
C LEU A 114 6.67 -10.89 -2.14
N TYR A 115 7.29 -11.87 -1.49
CA TYR A 115 6.86 -12.31 -0.17
C TYR A 115 7.09 -11.20 0.86
N ALA A 116 8.18 -10.46 0.72
CA ALA A 116 8.44 -9.35 1.62
C ALA A 116 7.34 -8.25 1.48
N SER A 117 6.93 -7.96 0.25
CA SER A 117 5.91 -6.95 -0.02
C SER A 117 4.56 -7.41 0.56
N ALA A 118 4.26 -8.71 0.48
CA ALA A 118 3.02 -9.23 1.02
C ALA A 118 3.02 -9.19 2.55
N ARG A 119 4.15 -9.50 3.17
CA ARG A 119 4.21 -9.43 4.62
C ARG A 119 3.98 -7.94 5.07
N ALA A 120 4.64 -6.99 4.39
CA ALA A 120 4.48 -5.57 4.74
C ALA A 120 3.02 -5.11 4.50
N LEU A 121 2.42 -5.52 3.38
CA LEU A 121 1.02 -5.13 3.12
C LEU A 121 0.05 -5.74 4.15
N TRP A 122 0.27 -7.02 4.49
CA TRP A 122 -0.59 -7.65 5.47
C TRP A 122 -0.44 -7.04 6.86
N LEU A 123 0.76 -6.57 7.19
CA LEU A 123 0.94 -5.90 8.47
C LEU A 123 0.14 -4.57 8.47
N LEU A 124 0.19 -3.86 7.35
CA LEU A 124 -0.64 -2.64 7.20
C LEU A 124 -2.10 -2.93 7.33
N VAL A 125 -2.58 -4.01 6.71
CA VAL A 125 -3.94 -4.42 6.85
C VAL A 125 -4.29 -4.70 8.34
N ALA A 126 -3.41 -5.40 9.04
CA ALA A 126 -3.66 -5.77 10.44
C ALA A 126 -3.68 -4.50 11.32
N LEU A 127 -2.82 -3.52 11.05
CA LEU A 127 -2.82 -2.25 11.81
C LEU A 127 -4.09 -1.46 11.54
N ALA A 128 -4.49 -1.40 10.26
CA ALA A 128 -5.76 -0.79 9.90
C ALA A 128 -6.93 -1.45 10.65
N ALA A 129 -6.99 -2.78 10.61
CA ALA A 129 -8.06 -3.54 11.29
C ALA A 129 -8.06 -3.29 12.81
N LEU A 130 -6.88 -3.32 13.43
CA LEU A 130 -6.78 -3.10 14.88
C LEU A 130 -7.24 -1.68 15.23
N GLY A 131 -6.79 -0.69 14.43
CA GLY A 131 -7.19 0.68 14.63
C GLY A 131 -8.70 0.88 14.51
N LEU A 132 -9.32 0.25 13.50
CA LEU A 132 -10.78 0.32 13.37
C LEU A 132 -11.54 -0.40 14.51
N LEU A 133 -11.03 -1.56 14.91
CA LEU A 133 -11.60 -2.28 16.02
C LEU A 133 -11.56 -1.41 17.32
N ALA A 134 -10.43 -0.75 17.56
CA ALA A 134 -10.25 0.15 18.70
C ALA A 134 -11.25 1.30 18.64
N HIS A 135 -11.53 1.77 17.44
CA HIS A 135 -12.52 2.79 17.25
C HIS A 135 -13.97 2.35 17.51
N PHE A 136 -14.40 1.20 16.97
CA PHE A 136 -15.80 0.81 17.02
C PHE A 136 -16.20 -0.14 18.19
N LEU A 137 -15.29 -0.97 18.65
CA LEU A 137 -15.65 -2.06 19.55
C LEU A 137 -16.10 -1.56 20.96
N PRO A 138 -15.39 -0.58 21.56
CA PRO A 138 -15.91 -0.06 22.86
C PRO A 138 -17.35 0.48 22.85
N ALA A 139 -17.66 1.44 21.96
CA ALA A 139 -19.03 1.89 21.83
C ALA A 139 -20.02 0.76 21.54
N ALA A 140 -19.63 -0.21 20.72
CA ALA A 140 -20.53 -1.34 20.39
C ALA A 140 -20.77 -2.23 21.64
N LEU A 141 -19.70 -2.51 22.36
CA LEU A 141 -19.83 -3.33 23.58
C LEU A 141 -20.71 -2.61 24.62
N ARG A 142 -20.47 -1.30 24.78
CA ARG A 142 -21.30 -0.50 25.66
C ARG A 142 -22.78 -0.45 25.31
N ALA A 143 -23.12 -0.24 24.03
CA ALA A 143 -24.51 -0.17 23.61
C ALA A 143 -25.22 -1.49 23.91
N ALA A 144 -24.49 -2.58 23.76
CA ALA A 144 -25.01 -3.91 24.01
C ALA A 144 -25.22 -4.20 25.51
N LEU A 145 -24.24 -3.84 26.33
CA LEU A 145 -24.40 -3.84 27.79
C LEU A 145 -25.56 -2.99 28.25
N LEU A 146 -25.67 -1.75 27.76
CA LEU A 146 -26.79 -0.89 28.08
C LEU A 146 -28.17 -1.50 27.76
N GLY A 147 -28.28 -2.22 26.63
CA GLY A 147 -29.54 -2.86 26.23
C GLY A 147 -29.91 -4.01 27.16
N ARG A 148 -28.88 -4.68 27.67
CA ARG A 148 -28.94 -5.74 28.65
C ARG A 148 -29.38 -5.30 30.05
N LEU A 149 -29.43 -4.01 30.31
CA LEU A 149 -29.34 -3.57 31.68
C LEU A 149 -30.54 -3.52 32.68
N ARG A 150 -31.83 -3.42 32.34
CA ARG A 150 -32.58 -3.88 31.15
C ARG A 150 -32.83 -5.43 30.92
N THR A 151 -32.84 -6.30 31.96
CA THR A 151 -33.16 -6.06 33.38
C THR A 151 -33.58 -4.64 33.79
N LEU A 152 -33.35 -4.30 35.07
CA LEU A 152 -33.57 -2.91 35.54
C LEU A 152 -35.01 -2.60 35.90
N LEU A 153 -35.18 -1.65 36.82
CA LEU A 153 -36.50 -1.39 37.42
C LEU A 153 -36.91 -2.59 38.23
N PRO A 154 -35.91 -3.34 38.69
CA PRO A 154 -36.08 -4.54 39.50
C PRO A 154 -34.80 -4.71 40.32
N TRP A 155 -34.29 -5.94 40.36
CA TRP A 155 -33.07 -6.34 41.09
C TRP A 155 -32.74 -5.59 42.41
N ALA A 156 -31.59 -5.56 42.83
#